data_6VKF
#
_entry.id   6VKF
#
_cell.length_a   62.350
_cell.length_b   97.870
_cell.length_c   66.010
_cell.angle_alpha   90.000
_cell.angle_beta   103.870
_cell.angle_gamma   90.000
#
_symmetry.space_group_name_H-M   'P 1 21 1'
#
loop_
_entity.id
_entity.type
_entity.pdbx_description
1 polymer GP38
2 branched 2-acetamido-2-deoxy-beta-D-glucopyranose-(1-4)-2-acetamido-2-deoxy-beta-D-glucopyranose
3 non-polymer 2-acetamido-2-deoxy-beta-D-glucopyranose
4 water water
#
_entity_poly.entity_id   1
_entity_poly.type   'polypeptide(L)'
_entity_poly.pdbx_seq_one_letter_code
;NLKMEIILTLSQGLKKYYGKILRLLQLTLEEDTEGLLEWCKRNLGLDCDDTFFQKRIEEFFITGEGHFNEVLQFRTPGTL
STTESTPAGLPTAEPFKSYFAKGFLSIDSGYYSAKCYSGTSNSGLQLINITRHSTRIVDTPGPKITNLKTINCINLKASI
FKEHREVEINVLLPQVAVNLSNCHVVIKSHVCDYSLDIDGAVRLPHIYHEGVFIPGTYKIVIDKKNKLNDRCTLFTDCVI
KGREVRKGQSVLRQYKTEIRIGKASTGS
;
_entity_poly.pdbx_strand_id   A,B
#
loop_
_chem_comp.id
_chem_comp.type
_chem_comp.name
_chem_comp.formula
NAG D-saccharide, beta linking 2-acetamido-2-deoxy-beta-D-glucopyranose 'C8 H15 N O6'
#
# COMPACT_ATOMS: atom_id res chain seq x y z
N GLU A 5 -53.52 19.49 -2.60
CA GLU A 5 -52.46 19.40 -1.60
C GLU A 5 -52.02 17.95 -1.38
N ILE A 6 -50.79 17.64 -1.81
CA ILE A 6 -50.23 16.29 -1.68
C ILE A 6 -49.30 16.27 -0.49
N ILE A 7 -49.48 15.29 0.40
CA ILE A 7 -48.64 15.14 1.59
C ILE A 7 -47.78 13.89 1.44
N LEU A 8 -46.62 13.91 2.08
CA LEU A 8 -45.70 12.80 2.02
C LEU A 8 -46.14 11.68 2.96
N THR A 9 -45.92 10.43 2.53
CA THR A 9 -46.10 9.32 3.44
C THR A 9 -44.98 9.33 4.48
N LEU A 10 -45.08 8.41 5.44
CA LEU A 10 -44.05 8.32 6.48
C LEU A 10 -42.68 8.11 5.87
N SER A 11 -42.55 7.12 4.98
CA SER A 11 -41.25 6.82 4.38
C SER A 11 -40.85 7.85 3.32
N GLN A 12 -41.82 8.50 2.67
CA GLN A 12 -41.44 9.52 1.68
C GLN A 12 -40.77 10.69 2.36
N GLY A 13 -41.42 11.27 3.37
CA GLY A 13 -40.83 12.39 4.09
C GLY A 13 -39.55 12.02 4.82
N LEU A 14 -39.40 10.76 5.20
CA LEU A 14 -38.17 10.37 5.89
C LEU A 14 -36.99 10.42 4.94
N LYS A 15 -37.19 9.95 3.71
CA LYS A 15 -36.15 10.05 2.70
C LYS A 15 -35.77 11.50 2.45
N LYS A 16 -36.75 12.39 2.33
CA LYS A 16 -36.44 13.79 2.11
C LYS A 16 -35.74 14.39 3.33
N TYR A 17 -36.17 13.97 4.52
CA TYR A 17 -35.51 14.33 5.77
C TYR A 17 -34.04 13.91 5.74
N TYR A 18 -33.77 12.69 5.27
CA TYR A 18 -32.40 12.27 5.10
C TYR A 18 -31.74 13.04 3.97
N GLY A 19 -32.48 13.29 2.88
CA GLY A 19 -31.95 14.13 1.82
C GLY A 19 -31.47 15.47 2.35
N LYS A 20 -32.22 16.05 3.28
CA LYS A 20 -31.77 17.33 3.84
C LYS A 20 -30.48 17.16 4.64
N ILE A 21 -30.39 16.08 5.43
CA ILE A 21 -29.18 15.81 6.21
C ILE A 21 -27.98 15.67 5.28
N LEU A 22 -28.10 14.81 4.27
CA LEU A 22 -27.03 14.62 3.30
C LEU A 22 -26.60 15.95 2.69
N ARG A 23 -27.56 16.78 2.31
CA ARG A 23 -27.19 18.07 1.71
C ARG A 23 -26.42 18.93 2.70
N LEU A 24 -26.83 18.93 3.98
CA LEU A 24 -26.15 19.76 4.99
C LEU A 24 -24.79 19.20 5.35
N LEU A 25 -24.66 17.88 5.39
CA LEU A 25 -23.36 17.23 5.54
C LEU A 25 -22.42 17.55 4.38
N GLN A 26 -22.95 18.03 3.26
CA GLN A 26 -22.20 18.32 2.04
C GLN A 26 -21.74 17.06 1.33
N LEU A 27 -22.44 15.95 1.55
CA LEU A 27 -22.22 14.77 0.71
C LEU A 27 -22.99 14.82 -0.60
N THR A 28 -24.01 15.70 -0.71
CA THR A 28 -24.74 15.89 -1.96
C THR A 28 -24.87 17.39 -2.23
N LEU A 29 -25.05 17.73 -3.50
CA LEU A 29 -25.29 19.11 -3.89
C LEU A 29 -26.75 19.35 -4.27
N GLU A 30 -27.58 18.32 -4.21
CA GLU A 30 -28.98 18.42 -4.62
C GLU A 30 -29.85 17.78 -3.55
N GLU A 31 -31.08 18.26 -3.43
CA GLU A 31 -32.02 17.64 -2.54
C GLU A 31 -33.39 17.64 -3.20
N ASP A 32 -34.29 16.83 -2.66
CA ASP A 32 -35.72 17.00 -2.83
C ASP A 32 -36.29 17.18 -1.43
N THR A 33 -36.79 18.38 -1.15
CA THR A 33 -37.44 18.63 0.13
C THR A 33 -38.85 19.20 -0.04
N GLU A 34 -39.46 19.05 -1.20
CA GLU A 34 -40.83 19.51 -1.37
C GLU A 34 -41.76 18.65 -0.51
N GLY A 35 -42.44 19.29 0.44
CA GLY A 35 -43.30 18.60 1.38
C GLY A 35 -42.67 18.19 2.69
N LEU A 36 -41.41 18.56 2.94
CA LEU A 36 -40.74 18.06 4.13
C LEU A 36 -41.21 18.82 5.38
N LEU A 37 -41.43 20.13 5.26
CA LEU A 37 -41.85 20.92 6.42
C LEU A 37 -43.20 20.46 6.94
N GLU A 38 -44.18 20.28 6.04
CA GLU A 38 -45.46 19.74 6.49
C GLU A 38 -45.28 18.36 7.09
N TRP A 39 -44.40 17.55 6.51
CA TRP A 39 -44.18 16.22 7.03
C TRP A 39 -43.56 16.24 8.43
N CYS A 40 -42.78 17.30 8.78
CA CYS A 40 -42.23 17.42 10.14
C CYS A 40 -43.27 17.92 11.12
N LYS A 41 -44.14 18.85 10.70
CA LYS A 41 -45.20 19.30 11.58
C LYS A 41 -46.11 18.14 11.94
N ARG A 42 -46.57 17.41 10.93
CA ARG A 42 -47.50 16.30 11.16
C ARG A 42 -46.84 15.19 11.97
N ASN A 43 -45.63 14.78 11.59
CA ASN A 43 -45.03 13.58 12.18
C ASN A 43 -44.08 13.87 13.33
N LEU A 44 -43.59 15.10 13.47
CA LEU A 44 -42.70 15.45 14.59
C LEU A 44 -43.24 16.57 15.46
N GLY A 45 -44.29 17.28 15.05
CA GLY A 45 -44.76 18.41 15.83
C GLY A 45 -43.78 19.55 15.93
N LEU A 46 -42.86 19.63 14.96
CA LEU A 46 -41.72 20.53 14.99
C LEU A 46 -41.65 21.33 13.70
N ASP A 47 -40.90 22.43 13.75
CA ASP A 47 -40.53 23.13 12.54
C ASP A 47 -39.20 22.58 12.02
N CYS A 48 -39.21 21.97 10.81
CA CYS A 48 -38.03 21.32 10.21
C CYS A 48 -37.06 22.29 9.58
N ASP A 49 -36.67 23.35 10.28
CA ASP A 49 -35.83 24.37 9.68
C ASP A 49 -34.32 24.05 9.80
N ASP A 50 -33.50 24.88 9.13
CA ASP A 50 -32.08 24.62 9.05
C ASP A 50 -31.44 24.54 10.43
N THR A 51 -31.88 25.40 11.35
CA THR A 51 -31.36 25.35 12.71
C THR A 51 -31.59 23.98 13.33
N PHE A 52 -32.83 23.49 13.25
CA PHE A 52 -33.16 22.17 13.78
C PHE A 52 -32.24 21.10 13.23
N PHE A 53 -31.95 21.16 11.92
CA PHE A 53 -31.17 20.06 11.36
C PHE A 53 -29.72 20.14 11.78
N GLN A 54 -29.14 21.34 11.83
CA GLN A 54 -27.75 21.42 12.27
C GLN A 54 -27.58 20.92 13.70
N LYS A 55 -28.58 21.13 14.56
CA LYS A 55 -28.48 20.55 15.90
C LYS A 55 -28.71 19.04 15.91
N ARG A 56 -29.63 18.53 15.07
CA ARG A 56 -29.71 17.09 14.90
C ARG A 56 -28.36 16.51 14.45
N ILE A 57 -27.73 17.12 13.45
CA ILE A 57 -26.42 16.68 12.99
C ILE A 57 -25.37 16.86 14.09
N GLU A 58 -25.40 17.99 14.79
CA GLU A 58 -24.44 18.23 15.86
C GLU A 58 -24.58 17.19 16.95
N GLU A 59 -25.82 16.89 17.35
CA GLU A 59 -26.05 15.91 18.40
C GLU A 59 -25.67 14.51 17.92
N PHE A 60 -26.09 14.14 16.72
CA PHE A 60 -25.86 12.77 16.27
C PHE A 60 -24.39 12.44 16.19
N PHE A 61 -23.58 13.38 15.71
CA PHE A 61 -22.18 13.08 15.45
C PHE A 61 -21.26 13.42 16.62
N ILE A 62 -21.59 14.42 17.44
CA ILE A 62 -20.67 14.93 18.44
C ILE A 62 -21.29 14.89 19.84
N THR A 63 -22.50 15.42 19.99
CA THR A 63 -22.99 15.90 21.27
C THR A 63 -24.03 15.02 21.93
N GLY A 64 -24.91 14.39 21.15
CA GLY A 64 -25.90 13.49 21.74
C GLY A 64 -25.25 12.37 22.55
N GLU A 65 -26.00 11.84 23.51
CA GLU A 65 -25.39 10.85 24.40
C GLU A 65 -26.26 9.63 24.73
N GLY A 66 -27.58 9.72 24.70
CA GLY A 66 -28.40 8.53 24.86
C GLY A 66 -28.52 7.75 23.56
N HIS A 67 -29.61 7.00 23.46
CA HIS A 67 -29.95 6.37 22.19
C HIS A 67 -30.74 7.34 21.32
N PHE A 68 -30.72 7.08 20.02
CA PHE A 68 -31.31 7.97 19.05
C PHE A 68 -32.37 7.23 18.25
N ASN A 69 -33.33 7.97 17.73
CA ASN A 69 -34.34 7.40 16.86
C ASN A 69 -33.93 7.63 15.41
N GLU A 70 -34.79 7.19 14.48
CA GLU A 70 -34.41 7.27 13.08
C GLU A 70 -34.26 8.70 12.59
N VAL A 71 -34.77 9.66 13.34
CA VAL A 71 -34.83 11.06 12.95
C VAL A 71 -33.79 11.86 13.77
N LEU A 72 -32.85 11.14 14.38
CA LEU A 72 -31.65 11.67 15.00
C LEU A 72 -31.92 12.44 16.29
N GLN A 73 -33.06 12.21 16.93
CA GLN A 73 -33.30 12.80 18.24
C GLN A 73 -32.81 11.85 19.32
N PHE A 74 -32.60 12.39 20.51
CA PHE A 74 -32.11 11.62 21.64
C PHE A 74 -33.09 11.71 22.79
N ARG A 75 -33.01 10.73 23.69
CA ARG A 75 -33.94 10.58 24.81
C ARG A 75 -34.28 11.87 25.54
N GLU A 94 -46.73 8.22 18.23
CA GLU A 94 -46.05 8.87 17.12
C GLU A 94 -44.99 7.93 16.51
N PRO A 95 -44.65 8.15 15.24
CA PRO A 95 -43.94 7.10 14.47
C PRO A 95 -42.51 6.83 14.91
N PHE A 96 -41.87 7.74 15.65
CA PHE A 96 -40.45 7.61 15.90
C PHE A 96 -40.10 7.57 17.39
N LYS A 97 -41.07 7.34 18.28
CA LYS A 97 -40.66 7.03 19.65
C LYS A 97 -40.20 5.57 19.74
N SER A 98 -39.16 5.24 18.96
CA SER A 98 -38.31 4.09 19.24
C SER A 98 -36.90 4.44 18.76
N TYR A 99 -35.92 3.88 19.45
CA TYR A 99 -34.53 4.34 19.38
C TYR A 99 -33.62 3.13 19.30
N PHE A 100 -32.37 3.34 18.89
CA PHE A 100 -31.46 2.26 18.56
C PHE A 100 -30.30 2.17 19.55
N ALA A 101 -29.92 0.93 19.86
CA ALA A 101 -28.69 0.63 20.59
C ALA A 101 -27.49 0.49 19.68
N LYS A 102 -27.69 -0.02 18.46
CA LYS A 102 -26.60 -0.12 17.50
C LYS A 102 -26.15 1.28 17.08
N GLY A 103 -24.93 1.35 16.56
CA GLY A 103 -24.25 2.61 16.45
C GLY A 103 -24.52 3.45 15.23
N PHE A 104 -25.39 3.04 14.30
CA PHE A 104 -25.47 3.77 13.02
C PHE A 104 -26.89 3.88 12.52
N LEU A 105 -27.09 4.86 11.65
CA LEU A 105 -28.29 5.07 10.85
C LEU A 105 -27.88 5.03 9.38
N SER A 106 -28.77 4.49 8.55
CA SER A 106 -28.59 4.56 7.10
C SER A 106 -29.33 5.81 6.60
N ILE A 107 -28.59 6.91 6.45
CA ILE A 107 -29.17 8.17 5.98
C ILE A 107 -29.39 8.02 4.47
N ASP A 108 -30.59 7.64 4.08
CA ASP A 108 -30.90 7.17 2.73
C ASP A 108 -32.04 8.02 2.17
N SER A 109 -31.71 8.91 1.24
CA SER A 109 -32.69 9.79 0.63
C SER A 109 -33.38 9.17 -0.58
N GLY A 110 -32.98 7.97 -0.98
CA GLY A 110 -33.39 7.43 -2.25
C GLY A 110 -32.44 7.83 -3.35
N TYR A 111 -32.14 9.12 -3.47
CA TYR A 111 -31.18 9.55 -4.49
C TYR A 111 -29.76 9.20 -4.09
N TYR A 112 -29.45 9.22 -2.79
CA TYR A 112 -28.14 8.87 -2.29
C TYR A 112 -28.28 8.34 -0.88
N SER A 113 -27.30 7.55 -0.44
CA SER A 113 -27.30 7.06 0.93
C SER A 113 -25.89 7.10 1.53
N ALA A 114 -25.85 7.08 2.87
CA ALA A 114 -24.63 7.04 3.65
C ALA A 114 -24.91 6.34 4.97
N LYS A 115 -24.00 5.45 5.38
CA LYS A 115 -24.10 4.77 6.66
C LYS A 115 -23.31 5.56 7.70
N CYS A 116 -24.00 6.24 8.62
CA CYS A 116 -23.36 7.20 9.51
C CYS A 116 -23.39 6.70 10.95
N TYR A 117 -22.24 6.76 11.59
CA TYR A 117 -22.10 6.32 12.97
C TYR A 117 -22.28 7.49 13.93
N SER A 118 -22.87 7.21 15.08
CA SER A 118 -23.12 8.22 16.08
C SER A 118 -21.87 8.46 16.91
N GLY A 119 -21.75 9.68 17.44
CA GLY A 119 -20.65 9.97 18.36
C GLY A 119 -20.61 9.01 19.53
N THR A 120 -21.78 8.54 19.97
CA THR A 120 -21.84 7.59 21.09
C THR A 120 -21.05 6.32 20.78
N SER A 121 -21.11 5.86 19.54
CA SER A 121 -20.60 4.53 19.22
C SER A 121 -19.07 4.46 19.16
N ASN A 122 -18.37 5.57 19.04
CA ASN A 122 -16.92 5.54 18.87
C ASN A 122 -16.20 5.77 20.20
N SER A 123 -14.90 5.46 20.20
CA SER A 123 -14.10 5.49 21.42
C SER A 123 -13.91 6.92 21.92
N GLY A 124 -13.65 7.85 21.01
CA GLY A 124 -13.56 9.26 21.34
C GLY A 124 -14.16 10.10 20.25
N LEU A 125 -13.49 11.20 19.91
CA LEU A 125 -13.91 12.06 18.82
C LEU A 125 -13.00 11.80 17.63
N GLN A 126 -13.58 11.39 16.52
CA GLN A 126 -12.72 11.19 15.36
C GLN A 126 -13.08 12.20 14.28
N LEU A 127 -13.23 13.47 14.69
CA LEU A 127 -13.37 14.61 13.79
C LEU A 127 -12.26 15.59 14.11
N ILE A 128 -11.97 16.48 13.16
CA ILE A 128 -11.02 17.57 13.37
C ILE A 128 -11.66 18.89 12.98
N ASN A 129 -11.25 19.94 13.67
CA ASN A 129 -11.74 21.30 13.46
C ASN A 129 -10.97 21.93 12.30
N ILE A 130 -11.67 22.34 11.25
CA ILE A 130 -11.01 22.98 10.12
C ILE A 130 -11.35 24.47 10.03
N THR A 131 -12.03 25.02 11.03
CA THR A 131 -12.19 26.48 11.10
C THR A 131 -10.90 27.13 11.55
N ARG A 132 -10.09 26.37 12.28
CA ARG A 132 -8.81 26.87 12.77
C ARG A 132 -7.96 27.36 11.62
N HIS A 133 -7.29 28.49 11.83
CA HIS A 133 -6.28 28.94 10.91
C HIS A 133 -5.02 28.11 11.10
N SER A 134 -4.38 27.78 9.99
CA SER A 134 -3.02 27.28 9.95
C SER A 134 -2.44 27.85 8.66
N THR A 135 -1.15 28.20 8.68
CA THR A 135 -0.65 28.89 7.50
C THR A 135 -0.33 27.88 6.41
N ARG A 136 -0.41 28.36 5.16
CA ARG A 136 -0.43 27.47 4.00
C ARG A 136 0.91 26.74 3.86
N ILE A 137 0.83 25.42 3.82
CA ILE A 137 1.99 24.57 3.63
C ILE A 137 2.70 24.99 2.35
N VAL A 138 3.97 25.36 2.46
CA VAL A 138 4.66 26.08 1.39
C VAL A 138 4.88 25.05 0.27
N ASP A 139 4.89 25.54 -0.97
CA ASP A 139 5.00 24.67 -2.12
C ASP A 139 6.49 24.53 -2.42
N THR A 140 6.87 23.37 -2.94
CA THR A 140 8.25 23.03 -3.25
C THR A 140 8.19 21.96 -4.33
N PRO A 141 9.06 22.02 -5.34
CA PRO A 141 8.91 21.12 -6.49
C PRO A 141 9.07 19.66 -6.14
N GLY A 142 8.36 18.82 -6.90
CA GLY A 142 8.39 17.38 -6.76
C GLY A 142 7.78 16.68 -7.96
N PRO A 143 8.00 15.37 -8.09
CA PRO A 143 7.60 14.67 -9.32
C PRO A 143 6.09 14.67 -9.52
N LYS A 144 5.67 14.92 -10.77
CA LYS A 144 4.25 15.04 -11.07
C LYS A 144 3.52 13.72 -10.86
N ILE A 145 4.21 12.59 -11.04
CA ILE A 145 3.61 11.27 -10.89
C ILE A 145 4.33 10.53 -9.80
N THR A 146 3.58 9.94 -8.89
CA THR A 146 4.11 9.20 -7.76
C THR A 146 3.63 7.77 -7.87
N ASN A 147 4.54 6.82 -7.68
CA ASN A 147 4.17 5.43 -7.73
C ASN A 147 3.37 5.04 -6.48
N LEU A 148 2.31 4.27 -6.71
CA LEU A 148 1.46 3.82 -5.61
C LEU A 148 2.25 3.09 -4.54
N LYS A 149 3.28 2.34 -4.93
CA LYS A 149 4.01 1.47 -4.00
C LYS A 149 5.10 2.21 -3.21
N THR A 150 5.44 3.44 -3.59
CA THR A 150 6.46 4.22 -2.90
C THR A 150 5.94 5.61 -2.58
N ILE A 151 4.77 5.68 -1.95
CA ILE A 151 4.23 6.99 -1.58
C ILE A 151 5.10 7.62 -0.50
N ASN A 152 5.60 8.82 -0.77
CA ASN A 152 6.44 9.52 0.19
C ASN A 152 5.71 10.65 0.90
N CYS A 153 4.50 10.96 0.46
CA CYS A 153 3.68 11.94 1.15
C CYS A 153 3.27 11.39 2.52
N ILE A 154 3.13 12.29 3.50
CA ILE A 154 2.63 11.85 4.81
C ILE A 154 1.12 11.88 4.89
N ASN A 155 0.43 12.53 3.95
CA ASN A 155 -1.00 12.73 4.12
C ASN A 155 -1.82 11.51 3.75
N LEU A 156 -1.22 10.53 3.07
CA LEU A 156 -1.96 9.31 2.78
C LEU A 156 -1.00 8.12 2.73
N LYS A 157 -1.57 6.94 2.92
CA LYS A 157 -0.84 5.69 3.09
C LYS A 157 -1.61 4.61 2.36
N ALA A 158 -0.91 3.82 1.54
CA ALA A 158 -1.54 2.85 0.66
C ALA A 158 -1.30 1.42 1.16
N SER A 159 -2.33 0.60 1.09
CA SER A 159 -2.24 -0.82 1.42
C SER A 159 -2.85 -1.61 0.26
N ILE A 160 -2.14 -2.65 -0.17
CA ILE A 160 -2.48 -3.41 -1.37
C ILE A 160 -2.83 -4.83 -0.97
N PHE A 161 -3.96 -5.33 -1.48
CA PHE A 161 -4.46 -6.67 -1.16
C PHE A 161 -4.62 -7.45 -2.47
N LYS A 162 -3.49 -7.98 -2.98
CA LYS A 162 -3.48 -8.64 -4.29
C LYS A 162 -4.38 -9.87 -4.35
N GLU A 163 -4.63 -10.51 -3.21
CA GLU A 163 -5.45 -11.71 -3.20
C GLU A 163 -6.93 -11.41 -3.33
N HIS A 164 -7.36 -10.21 -2.95
CA HIS A 164 -8.69 -9.71 -3.24
C HIS A 164 -8.68 -8.70 -4.37
N ARG A 165 -7.51 -8.46 -4.98
CA ARG A 165 -7.29 -7.43 -5.98
C ARG A 165 -8.03 -6.15 -5.61
N GLU A 166 -7.75 -5.70 -4.39
CA GLU A 166 -8.29 -4.49 -3.80
C GLU A 166 -7.12 -3.63 -3.35
N VAL A 167 -7.33 -2.32 -3.31
CA VAL A 167 -6.37 -1.40 -2.69
C VAL A 167 -7.13 -0.43 -1.80
N GLU A 168 -6.53 -0.09 -0.66
CA GLU A 168 -7.08 0.84 0.30
C GLU A 168 -6.10 1.99 0.47
N ILE A 169 -6.58 3.22 0.29
CA ILE A 169 -5.79 4.41 0.53
C ILE A 169 -6.27 5.05 1.82
N ASN A 170 -5.42 5.06 2.84
CA ASN A 170 -5.73 5.70 4.11
C ASN A 170 -5.32 7.17 4.01
N VAL A 171 -6.27 8.08 4.21
CA VAL A 171 -5.99 9.51 4.17
C VAL A 171 -5.80 9.98 5.61
N LEU A 172 -4.59 10.42 5.93
CA LEU A 172 -4.27 10.83 7.29
C LEU A 172 -4.44 12.33 7.52
N LEU A 173 -4.49 13.14 6.46
CA LEU A 173 -4.74 14.58 6.59
C LEU A 173 -5.91 14.95 5.68
N PRO A 174 -7.14 14.69 6.14
CA PRO A 174 -8.31 14.92 5.29
C PRO A 174 -8.51 16.37 4.92
N GLN A 175 -7.85 17.32 5.59
CA GLN A 175 -7.96 18.71 5.17
C GLN A 175 -7.20 18.98 3.88
N VAL A 176 -6.36 18.05 3.44
CA VAL A 176 -5.58 18.15 2.21
C VAL A 176 -6.32 17.37 1.14
N ALA A 177 -6.61 18.03 0.02
CA ALA A 177 -7.57 17.49 -0.92
C ALA A 177 -7.04 16.24 -1.62
N VAL A 178 -7.93 15.28 -1.82
CA VAL A 178 -7.72 14.13 -2.68
C VAL A 178 -8.79 14.19 -3.76
N ASN A 179 -8.38 14.29 -5.02
CA ASN A 179 -9.29 14.35 -6.15
C ASN A 179 -9.28 13.01 -6.88
N LEU A 180 -10.46 12.52 -7.22
CA LEU A 180 -10.56 11.26 -7.95
C LEU A 180 -10.86 11.54 -9.42
N SER A 181 -10.23 10.77 -10.30
CA SER A 181 -10.47 10.87 -11.73
C SER A 181 -10.73 9.46 -12.27
N ASN A 182 -11.89 9.27 -12.89
CA ASN A 182 -12.29 7.97 -13.44
C ASN A 182 -12.21 6.85 -12.41
N CYS A 183 -12.67 7.14 -11.18
CA CYS A 183 -12.63 6.20 -10.07
C CYS A 183 -14.03 5.88 -9.60
N HIS A 184 -14.12 4.75 -8.91
CA HIS A 184 -15.39 4.20 -8.47
C HIS A 184 -15.09 3.53 -7.13
N VAL A 185 -15.30 4.25 -6.03
CA VAL A 185 -14.73 3.85 -4.73
C VAL A 185 -15.77 3.86 -3.63
N VAL A 186 -15.36 3.33 -2.47
CA VAL A 186 -16.12 3.38 -1.22
C VAL A 186 -15.28 4.13 -0.19
N ILE A 187 -15.87 5.16 0.42
CA ILE A 187 -15.21 5.89 1.50
C ILE A 187 -15.60 5.24 2.82
N LYS A 188 -14.61 4.81 3.58
CA LYS A 188 -14.83 4.25 4.91
C LYS A 188 -14.21 5.19 5.93
N SER A 189 -14.92 5.42 7.03
CA SER A 189 -14.47 6.32 8.09
C SER A 189 -15.33 6.07 9.31
N HIS A 190 -14.90 6.63 10.44
CA HIS A 190 -15.68 6.50 11.65
C HIS A 190 -16.80 7.52 11.74
N VAL A 191 -16.97 8.37 10.75
CA VAL A 191 -18.10 9.29 10.73
C VAL A 191 -19.21 8.73 9.84
N CYS A 192 -18.98 8.64 8.52
CA CYS A 192 -19.92 7.98 7.63
C CYS A 192 -19.17 7.15 6.59
N ASP A 193 -19.88 6.14 6.05
CA ASP A 193 -19.42 5.33 4.93
C ASP A 193 -20.34 5.57 3.75
N TYR A 194 -19.76 5.72 2.55
CA TYR A 194 -20.56 6.06 1.38
C TYR A 194 -19.75 5.78 0.12
N SER A 195 -20.47 5.68 -1.00
CA SER A 195 -19.89 5.39 -2.31
C SER A 195 -19.61 6.69 -3.05
N LEU A 196 -18.54 6.71 -3.83
CA LEU A 196 -18.34 7.82 -4.76
C LEU A 196 -18.05 7.33 -6.17
N ASP A 197 -18.61 8.07 -7.12
CA ASP A 197 -18.82 7.62 -8.49
C ASP A 197 -18.55 8.70 -9.50
N ILE A 198 -17.92 9.80 -9.08
CA ILE A 198 -17.81 10.96 -9.94
C ILE A 198 -16.43 11.55 -9.70
N ASP A 199 -15.97 12.32 -10.67
CA ASP A 199 -14.65 12.91 -10.64
C ASP A 199 -14.62 14.06 -9.63
N GLY A 200 -13.43 14.35 -9.12
CA GLY A 200 -13.28 15.55 -8.31
C GLY A 200 -12.68 15.41 -6.92
N ALA A 201 -12.91 16.42 -6.09
CA ALA A 201 -12.45 16.36 -4.71
C ALA A 201 -13.35 15.44 -3.90
N VAL A 202 -12.74 14.56 -3.11
CA VAL A 202 -13.48 13.63 -2.28
C VAL A 202 -14.34 14.43 -1.30
N ARG A 203 -15.65 14.25 -1.39
CA ARG A 203 -16.52 14.90 -0.43
C ARG A 203 -16.45 14.18 0.91
N LEU A 204 -16.66 14.93 1.98
CA LEU A 204 -16.63 14.37 3.32
C LEU A 204 -17.74 15.00 4.14
N PRO A 205 -18.24 14.30 5.15
CA PRO A 205 -19.30 14.91 5.99
C PRO A 205 -18.75 16.09 6.75
N HIS A 206 -19.47 17.20 6.67
CA HIS A 206 -19.16 18.43 7.39
C HIS A 206 -20.17 18.58 8.51
N ILE A 207 -19.69 18.70 9.74
CA ILE A 207 -20.54 18.84 10.91
C ILE A 207 -20.22 20.19 11.55
N TYR A 208 -21.27 20.97 11.84
CA TYR A 208 -21.07 22.27 12.47
C TYR A 208 -21.25 22.13 13.97
N HIS A 209 -20.21 22.54 14.72
CA HIS A 209 -20.26 22.55 16.18
C HIS A 209 -19.23 23.60 16.63
N GLU A 210 -19.71 24.83 16.81
CA GLU A 210 -18.86 25.99 17.08
C GLU A 210 -17.67 26.00 16.11
N GLY A 211 -17.98 25.87 14.82
CA GLY A 211 -17.02 25.59 13.79
C GLY A 211 -17.41 24.35 12.99
N VAL A 212 -16.62 24.08 11.97
CA VAL A 212 -16.93 23.02 11.00
C VAL A 212 -15.92 21.89 11.20
N PHE A 213 -16.43 20.67 11.39
CA PHE A 213 -15.62 19.49 11.61
C PHE A 213 -15.79 18.51 10.46
N ILE A 214 -14.70 17.85 10.06
CA ILE A 214 -14.73 16.77 9.08
C ILE A 214 -14.09 15.55 9.72
N PRO A 215 -14.12 14.37 9.09
CA PRO A 215 -13.46 13.20 9.71
C PRO A 215 -11.96 13.41 9.85
N GLY A 216 -11.42 12.93 10.97
CA GLY A 216 -10.01 13.07 11.22
C GLY A 216 -9.15 12.16 10.39
N THR A 217 -9.71 11.03 9.94
CA THR A 217 -9.06 10.20 8.94
C THR A 217 -10.15 9.48 8.16
N TYR A 218 -9.84 9.11 6.93
CA TYR A 218 -10.76 8.29 6.16
C TYR A 218 -9.98 7.37 5.24
N LYS A 219 -10.71 6.41 4.68
CA LYS A 219 -10.15 5.32 3.90
C LYS A 219 -10.87 5.27 2.55
N ILE A 220 -10.10 5.29 1.47
CA ILE A 220 -10.63 5.10 0.13
C ILE A 220 -10.37 3.67 -0.29
N VAL A 221 -11.42 2.92 -0.55
CA VAL A 221 -11.32 1.50 -0.89
C VAL A 221 -11.67 1.33 -2.36
N ILE A 222 -10.73 0.73 -3.10
CA ILE A 222 -10.81 0.64 -4.56
C ILE A 222 -10.71 -0.82 -4.97
N ASP A 223 -11.70 -1.28 -5.72
CA ASP A 223 -11.83 -2.68 -6.10
C ASP A 223 -11.41 -2.83 -7.56
N LYS A 224 -10.34 -3.60 -7.78
CA LYS A 224 -9.83 -3.81 -9.14
C LYS A 224 -10.58 -4.91 -9.87
N LYS A 225 -11.30 -5.78 -9.16
CA LYS A 225 -12.14 -6.76 -9.85
C LYS A 225 -13.16 -6.05 -10.72
N ASN A 226 -13.68 -4.92 -10.23
CA ASN A 226 -14.53 -4.04 -11.02
C ASN A 226 -13.66 -3.36 -12.07
N LYS A 227 -13.71 -3.85 -13.31
CA LYS A 227 -12.88 -3.26 -14.34
C LYS A 227 -13.27 -1.82 -14.66
N LEU A 228 -14.33 -1.29 -14.04
CA LEU A 228 -14.74 0.05 -14.40
C LEU A 228 -13.75 1.11 -13.90
N ASN A 229 -13.00 0.84 -12.85
CA ASN A 229 -11.93 1.79 -12.52
C ASN A 229 -10.57 1.28 -12.98
N ASP A 230 -10.55 0.84 -14.25
CA ASP A 230 -9.31 0.46 -14.93
C ASP A 230 -8.33 1.63 -15.02
N ARG A 231 -8.84 2.87 -15.10
CA ARG A 231 -8.00 4.05 -15.24
C ARG A 231 -8.18 5.00 -14.05
N CYS A 232 -8.49 4.46 -12.89
CA CYS A 232 -8.63 5.27 -11.69
C CYS A 232 -7.28 5.86 -11.33
N THR A 233 -7.25 7.19 -11.11
CA THR A 233 -6.05 7.85 -10.66
C THR A 233 -6.42 8.91 -9.63
N LEU A 234 -5.49 9.18 -8.71
CA LEU A 234 -5.66 10.13 -7.62
C LEU A 234 -4.77 11.34 -7.84
N PHE A 235 -5.35 12.53 -7.73
CA PHE A 235 -4.59 13.76 -7.64
C PHE A 235 -4.64 14.29 -6.22
N THR A 236 -3.48 14.61 -5.66
CA THR A 236 -3.44 15.13 -4.29
C THR A 236 -2.24 16.05 -4.13
N ASP A 237 -2.28 16.82 -3.04
CA ASP A 237 -1.13 17.62 -2.63
C ASP A 237 -0.25 16.73 -1.76
N CYS A 238 0.93 16.39 -2.27
CA CYS A 238 1.85 15.52 -1.55
C CYS A 238 2.54 16.33 -0.45
N VAL A 239 2.32 15.97 0.81
CA VAL A 239 2.86 16.73 1.92
C VAL A 239 4.13 16.05 2.42
N ILE A 240 5.22 16.82 2.48
CA ILE A 240 6.52 16.32 2.91
C ILE A 240 6.83 16.92 4.27
N LYS A 241 7.22 16.08 5.22
CA LYS A 241 7.56 16.50 6.55
C LYS A 241 9.07 16.48 6.71
N GLY A 242 9.64 17.56 7.23
CA GLY A 242 11.07 17.66 7.36
C GLY A 242 11.44 18.46 8.59
N ARG A 243 12.74 18.49 8.88
CA ARG A 243 13.33 19.36 9.88
C ARG A 243 14.41 20.19 9.19
N GLU A 244 14.21 21.50 9.18
CA GLU A 244 15.18 22.36 8.50
C GLU A 244 16.43 22.48 9.37
N VAL A 245 17.58 22.17 8.77
CA VAL A 245 18.79 21.84 9.53
C VAL A 245 19.33 23.06 10.27
N ARG A 246 19.06 24.26 9.76
CA ARG A 246 19.66 25.48 10.28
C ARG A 246 19.17 25.79 11.68
N LYS A 247 17.85 25.87 11.86
CA LYS A 247 17.21 26.23 13.13
C LYS A 247 16.63 25.04 13.89
N GLY A 248 16.57 23.87 13.26
CA GLY A 248 16.17 22.65 13.95
C GLY A 248 14.69 22.42 14.08
N GLN A 249 13.87 23.23 13.44
CA GLN A 249 12.43 23.22 13.65
C GLN A 249 11.70 22.43 12.56
N SER A 250 10.52 21.93 12.92
CA SER A 250 9.75 21.14 11.97
C SER A 250 9.11 22.04 10.92
N VAL A 251 8.99 21.47 9.71
CA VAL A 251 8.59 22.23 8.53
C VAL A 251 7.74 21.29 7.68
N LEU A 252 6.86 21.87 6.89
CA LEU A 252 5.98 21.11 6.01
C LEU A 252 6.02 21.75 4.63
N ARG A 253 6.02 20.92 3.59
CA ARG A 253 6.02 21.38 2.22
C ARG A 253 5.14 20.47 1.38
N GLN A 254 4.85 20.90 0.15
CA GLN A 254 3.89 20.15 -0.65
C GLN A 254 4.14 20.39 -2.13
N TYR A 255 3.74 19.41 -2.95
CA TYR A 255 3.70 19.55 -4.39
C TYR A 255 2.54 18.72 -4.92
N LYS A 256 1.95 19.20 -6.01
CA LYS A 256 0.89 18.43 -6.67
C LYS A 256 1.47 17.13 -7.21
N THR A 257 0.73 16.04 -7.07
CA THR A 257 1.18 14.80 -7.66
C THR A 257 -0.01 13.91 -8.00
N GLU A 258 0.22 13.00 -8.95
CA GLU A 258 -0.76 12.03 -9.40
C GLU A 258 -0.33 10.63 -8.99
N ILE A 259 -1.27 9.84 -8.50
CA ILE A 259 -0.99 8.44 -8.16
C ILE A 259 -1.94 7.56 -8.96
N ARG A 260 -1.37 6.63 -9.73
CA ARG A 260 -2.15 5.82 -10.65
C ARG A 260 -2.40 4.45 -10.04
N ILE A 261 -3.61 3.94 -10.26
CA ILE A 261 -4.08 2.69 -9.69
C ILE A 261 -4.58 1.81 -10.82
N GLY A 262 -3.96 0.66 -11.00
CA GLY A 262 -4.27 -0.20 -12.15
C GLY A 262 -3.55 0.22 -13.42
N LYS B 3 17.07 24.64 3.69
CA LYS B 3 17.49 23.27 3.45
C LYS B 3 16.91 22.35 4.54
N MET B 4 16.55 21.13 4.15
CA MET B 4 15.61 20.31 4.92
C MET B 4 16.09 18.88 5.07
N GLU B 5 15.84 18.31 6.24
CA GLU B 5 16.09 16.90 6.53
C GLU B 5 14.75 16.16 6.54
N ILE B 6 14.65 15.08 5.77
CA ILE B 6 13.38 14.36 5.63
C ILE B 6 13.11 13.53 6.86
N ILE B 7 11.88 13.57 7.38
CA ILE B 7 11.46 12.73 8.50
C ILE B 7 10.39 11.76 8.02
N LEU B 8 10.64 10.46 8.17
CA LEU B 8 9.80 9.42 7.61
C LEU B 8 8.80 8.89 8.62
N THR B 9 7.62 8.50 8.14
CA THR B 9 6.70 7.75 8.98
C THR B 9 7.31 6.38 9.28
N LEU B 10 6.67 5.66 10.21
CA LEU B 10 7.15 4.32 10.54
C LEU B 10 7.22 3.44 9.30
N SER B 11 6.13 3.39 8.53
CA SER B 11 6.09 2.47 7.41
C SER B 11 7.01 2.93 6.28
N GLN B 12 7.20 4.24 6.11
CA GLN B 12 8.13 4.72 5.09
C GLN B 12 9.56 4.33 5.42
N GLY B 13 9.99 4.61 6.66
CA GLY B 13 11.35 4.28 7.04
C GLY B 13 11.64 2.80 6.94
N LEU B 14 10.66 1.96 7.30
CA LEU B 14 10.85 0.52 7.15
C LEU B 14 11.17 0.14 5.71
N LYS B 15 10.38 0.65 4.75
CA LYS B 15 10.64 0.27 3.37
C LYS B 15 12.00 0.78 2.91
N LYS B 16 12.47 1.90 3.44
CA LYS B 16 13.81 2.35 3.08
C LYS B 16 14.87 1.47 3.71
N TYR B 17 14.60 1.01 4.93
CA TYR B 17 15.44 0.02 5.62
C TYR B 17 15.62 -1.23 4.75
N TYR B 18 14.52 -1.80 4.28
CA TYR B 18 14.61 -2.89 3.31
C TYR B 18 15.33 -2.45 2.04
N GLY B 19 15.07 -1.21 1.60
CA GLY B 19 15.77 -0.71 0.42
C GLY B 19 17.27 -0.80 0.58
N LYS B 20 17.77 -0.47 1.78
CA LYS B 20 19.22 -0.56 1.98
C LYS B 20 19.68 -2.00 1.91
N ILE B 21 18.90 -2.94 2.47
CA ILE B 21 19.31 -4.34 2.48
C ILE B 21 19.35 -4.87 1.06
N LEU B 22 18.32 -4.58 0.26
CA LEU B 22 18.34 -4.98 -1.15
C LEU B 22 19.58 -4.45 -1.86
N ARG B 23 20.01 -3.22 -1.54
CA ARG B 23 21.17 -2.66 -2.22
C ARG B 23 22.44 -3.40 -1.82
N LEU B 24 22.53 -3.84 -0.56
CA LEU B 24 23.75 -4.53 -0.14
C LEU B 24 23.73 -6.01 -0.50
N LEU B 25 22.53 -6.61 -0.62
CA LEU B 25 22.44 -7.91 -1.25
C LEU B 25 22.75 -7.85 -2.74
N GLN B 26 22.86 -6.64 -3.28
CA GLN B 26 23.16 -6.38 -4.68
C GLN B 26 22.09 -6.94 -5.60
N LEU B 27 20.87 -7.09 -5.07
CA LEU B 27 19.69 -7.33 -5.90
C LEU B 27 19.21 -6.06 -6.59
N THR B 28 19.58 -4.90 -6.08
CA THR B 28 19.33 -3.62 -6.74
C THR B 28 20.63 -2.84 -6.77
N LEU B 29 20.68 -1.87 -7.68
CA LEU B 29 21.83 -0.98 -7.81
C LEU B 29 21.45 0.47 -7.53
N GLU B 30 20.23 0.70 -7.08
CA GLU B 30 19.76 2.03 -6.71
C GLU B 30 19.09 1.90 -5.35
N GLU B 31 18.93 3.03 -4.67
CA GLU B 31 18.28 3.01 -3.37
C GLU B 31 17.61 4.34 -3.15
N ASP B 32 16.68 4.35 -2.18
CA ASP B 32 16.18 5.58 -1.57
C ASP B 32 16.40 5.43 -0.07
N THR B 33 17.33 6.19 0.49
CA THR B 33 17.64 6.11 1.90
C THR B 33 17.57 7.46 2.59
N GLU B 34 17.10 8.50 1.92
CA GLU B 34 16.95 9.80 2.57
C GLU B 34 16.00 9.67 3.76
N GLY B 35 16.50 10.01 4.95
CA GLY B 35 15.72 9.92 6.16
C GLY B 35 15.89 8.63 6.95
N LEU B 36 16.64 7.66 6.41
CA LEU B 36 16.70 6.36 7.07
C LEU B 36 17.47 6.42 8.39
N LEU B 37 18.58 7.16 8.43
CA LEU B 37 19.35 7.23 9.68
C LEU B 37 18.51 7.81 10.81
N GLU B 38 17.82 8.92 10.54
CA GLU B 38 16.91 9.49 11.53
C GLU B 38 15.84 8.47 11.92
N TRP B 39 15.33 7.73 10.93
CA TRP B 39 14.28 6.77 11.20
C TRP B 39 14.76 5.69 12.18
N CYS B 40 16.01 5.21 12.04
CA CYS B 40 16.49 4.15 12.93
C CYS B 40 16.83 4.69 14.29
N LYS B 41 17.39 5.89 14.36
CA LYS B 41 17.65 6.49 15.66
C LYS B 41 16.34 6.61 16.45
N ARG B 42 15.31 7.15 15.82
CA ARG B 42 14.06 7.41 16.50
C ARG B 42 13.29 6.11 16.77
N ASN B 43 13.31 5.17 15.83
CA ASN B 43 12.50 3.96 15.99
C ASN B 43 13.28 2.72 16.43
N LEU B 44 14.61 2.74 16.37
CA LEU B 44 15.40 1.59 16.82
C LEU B 44 16.37 1.93 17.94
N GLY B 45 16.54 3.22 18.26
CA GLY B 45 17.45 3.60 19.32
C GLY B 45 18.92 3.38 19.02
N LEU B 46 19.26 3.11 17.75
CA LEU B 46 20.63 2.74 17.37
C LEU B 46 20.97 3.40 16.03
N ASP B 47 22.20 3.14 15.58
CA ASP B 47 22.76 3.78 14.41
C ASP B 47 22.64 2.85 13.21
N CYS B 48 21.99 3.33 12.15
CA CYS B 48 21.77 2.52 10.94
C CYS B 48 22.93 2.51 9.97
N ASP B 49 24.16 2.38 10.42
CA ASP B 49 25.25 2.52 9.46
C ASP B 49 25.47 1.21 8.69
N ASP B 50 26.46 1.25 7.81
CA ASP B 50 26.69 0.12 6.92
C ASP B 50 27.14 -1.12 7.69
N THR B 51 27.96 -0.95 8.72
CA THR B 51 28.41 -2.13 9.46
C THR B 51 27.24 -2.78 10.20
N PHE B 52 26.30 -1.97 10.72
CA PHE B 52 25.07 -2.50 11.31
C PHE B 52 24.33 -3.36 10.30
N PHE B 53 24.14 -2.85 9.09
CA PHE B 53 23.33 -3.59 8.13
C PHE B 53 24.01 -4.87 7.68
N GLN B 54 25.33 -4.82 7.45
CA GLN B 54 26.06 -6.02 7.07
C GLN B 54 25.87 -7.10 8.11
N LYS B 55 25.95 -6.74 9.39
CA LYS B 55 25.80 -7.71 10.46
C LYS B 55 24.36 -8.25 10.48
N ARG B 56 23.37 -7.40 10.18
CA ARG B 56 22.00 -7.90 10.07
C ARG B 56 21.88 -8.93 8.96
N ILE B 57 22.46 -8.66 7.78
CA ILE B 57 22.49 -9.66 6.72
C ILE B 57 23.14 -10.94 7.21
N GLU B 58 24.32 -10.81 7.82
CA GLU B 58 25.07 -11.98 8.26
C GLU B 58 24.28 -12.77 9.29
N GLU B 59 23.59 -12.08 10.20
CA GLU B 59 22.81 -12.78 11.21
C GLU B 59 21.58 -13.42 10.59
N PHE B 60 20.90 -12.71 9.70
CA PHE B 60 19.67 -13.24 9.14
C PHE B 60 19.93 -14.46 8.27
N PHE B 61 20.97 -14.43 7.44
CA PHE B 61 21.19 -15.51 6.50
C PHE B 61 22.15 -16.58 7.01
N ILE B 62 23.20 -16.20 7.73
CA ILE B 62 24.20 -17.19 8.11
C ILE B 62 24.08 -17.61 9.56
N THR B 63 24.33 -16.66 10.48
CA THR B 63 24.69 -17.02 11.85
C THR B 63 23.54 -16.93 12.84
N GLY B 64 22.48 -16.19 12.53
CA GLY B 64 21.51 -15.83 13.54
C GLY B 64 20.63 -16.99 13.93
N GLU B 65 20.03 -16.89 15.11
CA GLU B 65 19.45 -18.10 15.63
C GLU B 65 18.36 -17.80 16.65
N GLY B 66 17.23 -18.47 16.49
CA GLY B 66 16.02 -18.10 17.18
C GLY B 66 15.07 -17.38 16.24
N HIS B 67 14.23 -16.52 16.81
CA HIS B 67 13.23 -15.80 16.05
C HIS B 67 13.73 -14.41 15.71
N PHE B 68 13.22 -13.87 14.60
CA PHE B 68 13.61 -12.55 14.14
C PHE B 68 12.39 -11.65 13.98
N ASN B 69 12.60 -10.35 14.18
CA ASN B 69 11.54 -9.36 14.00
C ASN B 69 11.65 -8.77 12.59
N GLU B 70 10.79 -7.80 12.28
CA GLU B 70 10.70 -7.32 10.91
C GLU B 70 11.95 -6.59 10.45
N VAL B 71 12.81 -6.17 11.37
CA VAL B 71 14.03 -5.44 11.01
C VAL B 71 15.26 -6.32 11.11
N LEU B 72 15.08 -7.64 11.12
CA LEU B 72 16.17 -8.62 11.11
C LEU B 72 16.95 -8.67 12.42
N GLN B 73 16.38 -8.19 13.53
CA GLN B 73 17.01 -8.46 14.81
C GLN B 73 16.53 -9.81 15.34
N PHE B 74 17.33 -10.42 16.20
CA PHE B 74 17.06 -11.75 16.72
C PHE B 74 16.93 -11.72 18.23
N ARG B 75 16.13 -12.65 18.74
CA ARG B 75 16.05 -12.88 20.17
C ARG B 75 15.61 -14.31 20.45
N THR B 76 15.97 -14.79 21.65
CA THR B 76 15.79 -16.16 22.10
C THR B 76 14.85 -16.14 23.31
N PRO B 77 13.54 -16.02 23.10
CA PRO B 77 12.63 -15.95 24.26
C PRO B 77 12.48 -17.30 24.96
N GLY B 78 12.35 -17.24 26.28
CA GLY B 78 12.21 -18.46 27.05
C GLY B 78 10.89 -19.16 26.74
N THR B 79 10.95 -20.48 26.59
CA THR B 79 9.75 -21.26 26.35
C THR B 79 8.97 -21.58 27.63
N LEU B 80 9.24 -20.87 28.72
CA LEU B 80 8.44 -20.99 29.94
C LEU B 80 8.03 -19.61 30.44
N PRO B 95 9.09 -3.35 13.49
CA PRO B 95 10.13 -3.22 14.53
C PRO B 95 9.64 -3.35 15.98
N PHE B 96 8.36 -3.12 16.24
CA PHE B 96 7.88 -3.02 17.62
C PHE B 96 7.90 -4.34 18.37
N LYS B 97 9.06 -5.03 18.38
CA LYS B 97 9.35 -6.16 19.27
C LYS B 97 8.51 -7.40 18.96
N SER B 98 8.00 -7.54 17.74
CA SER B 98 7.19 -8.70 17.36
C SER B 98 8.10 -9.72 16.66
N TYR B 99 8.86 -10.45 17.49
CA TYR B 99 9.73 -11.51 17.00
C TYR B 99 8.91 -12.76 16.72
N PHE B 100 9.11 -13.38 15.56
CA PHE B 100 8.30 -14.53 15.19
C PHE B 100 9.14 -15.63 14.58
N ALA B 101 8.56 -16.84 14.56
CA ALA B 101 9.24 -18.08 14.19
C ALA B 101 9.16 -18.43 12.71
N LYS B 102 8.51 -17.60 11.90
CA LYS B 102 8.36 -17.83 10.47
C LYS B 102 9.72 -18.15 9.85
N GLY B 103 9.66 -18.65 8.61
CA GLY B 103 10.86 -19.05 7.91
C GLY B 103 11.38 -17.96 7.01
N PHE B 104 10.52 -17.02 6.63
CA PHE B 104 10.87 -16.02 5.64
C PHE B 104 10.45 -14.64 6.10
N LEU B 105 10.97 -13.65 5.37
CA LEU B 105 10.72 -12.24 5.57
C LEU B 105 10.70 -11.58 4.20
N SER B 106 9.75 -10.67 3.97
CA SER B 106 9.60 -10.04 2.67
C SER B 106 10.28 -8.68 2.67
N ILE B 107 11.52 -8.65 2.16
CA ILE B 107 12.32 -7.45 2.03
C ILE B 107 11.75 -6.59 0.92
N ASP B 108 10.86 -5.65 1.27
CA ASP B 108 10.08 -4.92 0.28
C ASP B 108 10.30 -3.42 0.41
N SER B 109 11.07 -2.86 -0.53
CA SER B 109 11.36 -1.45 -0.62
C SER B 109 10.20 -0.64 -1.16
N GLY B 110 9.22 -1.28 -1.78
CA GLY B 110 8.29 -0.60 -2.67
C GLY B 110 8.83 -0.54 -4.08
N TYR B 111 10.04 0.02 -4.25
CA TYR B 111 10.65 0.02 -5.58
C TYR B 111 11.00 -1.39 -6.04
N TYR B 112 11.25 -2.30 -5.11
CA TYR B 112 11.58 -3.68 -5.44
C TYR B 112 11.26 -4.52 -4.22
N SER B 113 11.22 -5.83 -4.42
CA SER B 113 10.93 -6.72 -3.30
C SER B 113 11.57 -8.09 -3.55
N ALA B 114 11.90 -8.76 -2.46
CA ALA B 114 12.45 -10.10 -2.49
C ALA B 114 11.96 -10.86 -1.26
N LYS B 115 11.67 -12.14 -1.44
CA LYS B 115 11.26 -13.02 -0.36
C LYS B 115 12.48 -13.79 0.13
N CYS B 116 12.97 -13.47 1.33
CA CYS B 116 14.28 -13.91 1.80
C CYS B 116 14.14 -14.80 3.05
N TYR B 117 14.74 -15.99 2.98
CA TYR B 117 14.63 -16.99 4.02
C TYR B 117 15.80 -16.88 5.01
N SER B 118 15.50 -17.09 6.28
CA SER B 118 16.53 -17.02 7.31
C SER B 118 17.40 -18.28 7.30
N GLY B 119 18.53 -18.20 8.01
CA GLY B 119 19.44 -19.32 8.19
C GLY B 119 18.98 -20.36 9.19
N THR B 120 17.76 -20.21 9.70
CA THR B 120 17.11 -21.23 10.50
C THR B 120 16.04 -22.00 9.73
N SER B 121 15.76 -21.60 8.48
CA SER B 121 14.61 -22.09 7.71
C SER B 121 14.87 -23.46 7.08
N ASN B 122 16.04 -23.63 6.46
CA ASN B 122 16.37 -24.80 5.66
C ASN B 122 17.56 -25.50 6.31
N SER B 123 17.69 -26.79 6.05
CA SER B 123 18.78 -27.56 6.64
C SER B 123 19.94 -27.73 5.65
N GLY B 124 21.16 -27.65 6.18
CA GLY B 124 22.30 -27.33 5.35
C GLY B 124 22.46 -25.82 5.24
N LEU B 125 23.42 -25.41 4.41
CA LEU B 125 23.56 -24.00 4.04
C LEU B 125 24.27 -23.99 2.68
N GLN B 126 23.48 -24.02 1.60
CA GLN B 126 23.99 -24.19 0.27
C GLN B 126 24.39 -22.82 -0.28
N LEU B 127 25.56 -22.37 0.18
CA LEU B 127 26.12 -21.07 -0.16
C LEU B 127 27.55 -21.28 -0.63
N ILE B 128 27.94 -20.52 -1.65
CA ILE B 128 29.27 -20.66 -2.25
C ILE B 128 30.09 -19.43 -1.92
N ASN B 129 31.31 -19.67 -1.44
CA ASN B 129 32.30 -18.63 -1.16
C ASN B 129 33.01 -18.29 -2.47
N ILE B 130 32.56 -17.21 -3.16
CA ILE B 130 33.18 -16.89 -4.44
C ILE B 130 34.31 -15.87 -4.29
N THR B 131 34.71 -15.54 -3.07
CA THR B 131 36.07 -15.08 -2.84
C THR B 131 37.13 -16.01 -3.41
N ARG B 132 36.80 -17.29 -3.53
CA ARG B 132 37.77 -18.30 -3.93
C ARG B 132 38.01 -18.28 -5.44
N THR B 140 36.78 -22.05 -26.42
CA THR B 140 36.14 -23.19 -27.05
C THR B 140 35.15 -22.71 -28.12
N PRO B 141 35.09 -23.40 -29.26
CA PRO B 141 34.06 -23.12 -30.25
C PRO B 141 32.81 -23.95 -30.01
N GLY B 142 31.69 -23.46 -30.54
CA GLY B 142 30.41 -24.12 -30.36
C GLY B 142 29.23 -23.44 -31.04
N PRO B 143 28.11 -24.15 -31.11
CA PRO B 143 26.93 -23.62 -31.84
C PRO B 143 26.34 -22.40 -31.15
N LYS B 144 26.12 -21.33 -31.93
CA LYS B 144 25.68 -20.04 -31.41
C LYS B 144 24.20 -20.01 -31.01
N ILE B 145 23.41 -21.02 -31.37
CA ILE B 145 22.02 -21.13 -30.92
C ILE B 145 21.81 -22.53 -30.37
N THR B 146 20.94 -22.64 -29.36
CA THR B 146 20.74 -23.88 -28.65
C THR B 146 19.26 -24.05 -28.32
N ASN B 147 18.76 -25.26 -28.51
CA ASN B 147 17.35 -25.56 -28.28
C ASN B 147 17.14 -26.07 -26.85
N LEU B 148 16.00 -25.70 -26.29
CA LEU B 148 15.76 -25.88 -24.86
C LEU B 148 15.58 -27.35 -24.50
N LYS B 149 14.93 -28.13 -25.37
CA LYS B 149 14.73 -29.54 -25.04
C LYS B 149 16.00 -30.37 -25.20
N THR B 150 17.06 -29.81 -25.81
CA THR B 150 18.22 -30.60 -26.18
C THR B 150 19.54 -29.97 -25.70
N ILE B 151 19.48 -29.13 -24.66
CA ILE B 151 20.73 -28.59 -24.15
C ILE B 151 21.50 -29.70 -23.45
N ASN B 152 22.83 -29.64 -23.54
CA ASN B 152 23.66 -30.54 -22.74
C ASN B 152 24.85 -29.72 -22.26
N CYS B 153 24.71 -29.13 -21.09
CA CYS B 153 25.75 -28.30 -20.51
C CYS B 153 25.81 -28.57 -19.01
N ILE B 154 27.02 -28.50 -18.45
CA ILE B 154 27.19 -28.75 -17.03
C ILE B 154 26.55 -27.68 -16.17
N ASN B 155 26.28 -26.49 -16.73
CA ASN B 155 25.95 -25.33 -15.91
C ASN B 155 24.44 -25.11 -15.75
N LEU B 156 23.62 -25.77 -16.56
CA LEU B 156 22.18 -25.69 -16.40
C LEU B 156 21.59 -26.96 -17.00
N LYS B 157 20.40 -27.33 -16.52
CA LYS B 157 19.57 -28.26 -17.29
C LYS B 157 18.09 -28.11 -16.95
N ALA B 158 17.29 -28.14 -18.00
CA ALA B 158 15.92 -27.65 -18.05
C ALA B 158 14.92 -28.63 -17.46
N SER B 159 13.74 -28.09 -17.17
CA SER B 159 12.59 -28.87 -16.71
C SER B 159 11.36 -28.23 -17.35
N ILE B 160 10.48 -29.06 -17.91
CA ILE B 160 9.33 -28.57 -18.67
C ILE B 160 8.05 -28.99 -17.96
N PHE B 161 7.14 -28.01 -17.79
CA PHE B 161 5.85 -28.24 -17.16
C PHE B 161 4.77 -27.59 -18.02
N LYS B 162 4.65 -28.12 -19.25
CA LYS B 162 3.62 -27.74 -20.21
C LYS B 162 2.23 -27.67 -19.58
N GLU B 163 1.99 -28.51 -18.58
CA GLU B 163 0.74 -28.57 -17.82
C GLU B 163 0.26 -27.20 -17.36
N HIS B 164 1.23 -26.32 -17.04
CA HIS B 164 0.96 -24.96 -16.61
C HIS B 164 1.89 -23.98 -17.35
N ARG B 165 2.26 -24.36 -18.59
CA ARG B 165 3.15 -23.61 -19.48
C ARG B 165 4.30 -22.91 -18.75
N GLU B 166 4.95 -23.67 -17.87
CA GLU B 166 6.00 -23.16 -17.01
C GLU B 166 7.29 -23.92 -17.32
N VAL B 167 8.36 -23.20 -17.59
CA VAL B 167 9.67 -23.82 -17.80
C VAL B 167 10.61 -23.35 -16.69
N GLU B 168 11.18 -24.31 -15.97
CA GLU B 168 12.12 -24.03 -14.90
C GLU B 168 13.52 -24.46 -15.34
N ILE B 169 14.47 -23.55 -15.25
CA ILE B 169 15.86 -23.80 -15.63
C ILE B 169 16.70 -23.74 -14.37
N ASN B 170 17.22 -24.89 -13.94
CA ASN B 170 18.14 -24.96 -12.83
C ASN B 170 19.54 -24.71 -13.36
N VAL B 171 20.27 -23.80 -12.72
CA VAL B 171 21.63 -23.48 -13.13
C VAL B 171 22.57 -23.92 -12.02
N LEU B 172 23.57 -24.73 -12.39
CA LEU B 172 24.42 -25.48 -11.49
C LEU B 172 25.63 -24.71 -11.01
N LEU B 173 26.08 -23.72 -11.79
CA LEU B 173 27.27 -22.95 -11.45
C LEU B 173 26.92 -21.50 -11.66
N PRO B 174 26.43 -20.82 -10.62
CA PRO B 174 25.97 -19.43 -10.79
C PRO B 174 27.09 -18.47 -11.13
N GLN B 175 28.35 -18.90 -11.02
CA GLN B 175 29.49 -18.07 -11.38
C GLN B 175 29.46 -17.70 -12.87
N VAL B 176 28.79 -18.49 -13.72
CA VAL B 176 28.69 -18.20 -15.14
C VAL B 176 27.33 -17.58 -15.41
N ALA B 177 27.34 -16.44 -16.08
CA ALA B 177 26.17 -15.57 -16.16
C ALA B 177 25.11 -16.12 -17.11
N VAL B 178 23.85 -15.84 -16.78
CA VAL B 178 22.74 -15.92 -17.71
C VAL B 178 22.24 -14.50 -17.92
N ASN B 179 22.46 -13.96 -19.11
CA ASN B 179 21.95 -12.64 -19.47
C ASN B 179 20.54 -12.80 -20.03
N LEU B 180 19.58 -12.06 -19.50
CA LEU B 180 18.21 -12.10 -20.00
C LEU B 180 17.98 -11.05 -21.08
N SER B 181 17.07 -11.36 -22.00
CA SER B 181 16.69 -10.45 -23.08
C SER B 181 15.18 -10.56 -23.28
N ASN B 182 14.46 -9.48 -23.00
CA ASN B 182 13.01 -9.44 -23.16
C ASN B 182 12.34 -10.64 -22.49
N CYS B 183 12.74 -10.88 -21.25
CA CYS B 183 12.19 -11.95 -20.43
C CYS B 183 11.57 -11.35 -19.17
N HIS B 184 10.74 -12.16 -18.52
CA HIS B 184 10.14 -11.80 -17.24
C HIS B 184 10.06 -13.09 -16.45
N VAL B 185 11.01 -13.27 -15.54
CA VAL B 185 11.26 -14.55 -14.91
C VAL B 185 11.15 -14.39 -13.40
N VAL B 186 11.01 -15.51 -12.71
CA VAL B 186 11.13 -15.55 -11.26
C VAL B 186 12.38 -16.38 -10.93
N ILE B 187 13.23 -15.83 -10.07
CA ILE B 187 14.42 -16.51 -9.59
C ILE B 187 14.10 -17.09 -8.22
N LYS B 188 14.39 -18.38 -8.05
CA LYS B 188 14.11 -19.08 -6.80
C LYS B 188 15.38 -19.76 -6.29
N SER B 189 15.71 -19.53 -5.03
CA SER B 189 16.87 -20.12 -4.40
C SER B 189 16.65 -20.17 -2.90
N HIS B 190 17.54 -20.88 -2.20
CA HIS B 190 17.42 -21.02 -0.75
C HIS B 190 17.71 -19.73 0.00
N VAL B 191 18.24 -18.70 -0.67
CA VAL B 191 18.56 -17.44 -0.03
C VAL B 191 17.36 -16.50 -0.15
N CYS B 192 17.05 -16.07 -1.40
CA CYS B 192 15.90 -15.21 -1.66
C CYS B 192 15.21 -15.66 -2.95
N ASP B 193 13.96 -15.27 -3.09
CA ASP B 193 13.19 -15.39 -4.32
C ASP B 193 12.77 -14.00 -4.77
N TYR B 194 12.88 -13.73 -6.07
CA TYR B 194 12.66 -12.38 -6.59
C TYR B 194 12.42 -12.44 -8.09
N SER B 195 11.76 -11.39 -8.58
CA SER B 195 11.38 -11.30 -9.99
C SER B 195 12.39 -10.45 -10.75
N LEU B 196 12.66 -10.85 -11.99
CA LEU B 196 13.51 -10.08 -12.89
C LEU B 196 12.71 -9.67 -14.12
N ASP B 197 12.85 -8.40 -14.51
CA ASP B 197 12.17 -7.87 -15.68
C ASP B 197 13.06 -6.94 -16.48
N ILE B 198 14.38 -7.08 -16.37
CA ILE B 198 15.33 -6.18 -17.03
C ILE B 198 16.36 -7.02 -17.75
N ASP B 199 16.78 -6.53 -18.93
CA ASP B 199 17.79 -7.24 -19.71
C ASP B 199 19.15 -7.22 -18.99
N GLY B 200 19.95 -8.22 -19.29
CA GLY B 200 21.28 -8.35 -18.71
C GLY B 200 21.39 -9.57 -17.81
N ALA B 201 22.57 -9.70 -17.22
CA ALA B 201 22.86 -10.85 -16.38
C ALA B 201 21.93 -10.90 -15.17
N VAL B 202 21.60 -12.13 -14.75
CA VAL B 202 20.85 -12.35 -13.54
C VAL B 202 21.72 -12.00 -12.34
N ARG B 203 21.23 -11.14 -11.46
CA ARG B 203 22.00 -10.82 -10.28
C ARG B 203 21.59 -11.74 -9.13
N LEU B 204 22.50 -11.92 -8.19
CA LEU B 204 22.25 -12.85 -7.10
C LEU B 204 22.41 -12.16 -5.76
N PRO B 205 21.75 -12.66 -4.71
CA PRO B 205 21.96 -12.10 -3.38
C PRO B 205 23.37 -12.43 -2.87
N HIS B 206 24.06 -11.40 -2.39
CA HIS B 206 25.43 -11.52 -1.90
C HIS B 206 25.46 -11.27 -0.40
N ILE B 207 25.97 -12.25 0.34
CA ILE B 207 26.07 -12.17 1.79
C ILE B 207 27.53 -12.16 2.17
N TYR B 208 27.89 -11.33 3.15
CA TYR B 208 29.28 -11.26 3.61
C TYR B 208 29.42 -11.97 4.94
N HIS B 209 30.39 -12.88 5.02
CA HIS B 209 30.74 -13.65 6.21
C HIS B 209 32.23 -13.97 6.09
N GLU B 210 33.06 -13.01 6.50
CA GLU B 210 34.50 -13.11 6.33
C GLU B 210 34.83 -13.55 4.91
N GLY B 211 34.14 -12.93 3.96
CA GLY B 211 34.14 -13.33 2.56
C GLY B 211 32.75 -13.18 1.97
N VAL B 212 32.70 -13.15 0.64
CA VAL B 212 31.46 -12.92 -0.12
C VAL B 212 30.87 -14.27 -0.50
N PHE B 213 29.58 -14.46 -0.21
CA PHE B 213 28.87 -15.72 -0.45
C PHE B 213 27.61 -15.48 -1.27
N ILE B 214 27.32 -16.40 -2.19
CA ILE B 214 26.10 -16.35 -2.99
C ILE B 214 25.45 -17.73 -2.96
N PRO B 215 24.21 -17.87 -3.46
CA PRO B 215 23.58 -19.19 -3.48
C PRO B 215 24.40 -20.20 -4.31
N GLY B 216 24.41 -21.45 -3.84
CA GLY B 216 25.11 -22.49 -4.56
C GLY B 216 24.45 -22.84 -5.88
N THR B 217 23.12 -22.74 -5.96
CA THR B 217 22.36 -22.94 -7.19
C THR B 217 21.19 -21.97 -7.18
N TYR B 218 20.56 -21.81 -8.34
CA TYR B 218 19.31 -21.07 -8.42
C TYR B 218 18.53 -21.59 -9.62
N LYS B 219 17.23 -21.29 -9.63
CA LYS B 219 16.34 -21.71 -10.71
C LYS B 219 15.74 -20.49 -11.35
N ILE B 220 15.80 -20.43 -12.68
CA ILE B 220 15.12 -19.40 -13.45
C ILE B 220 13.79 -19.98 -13.91
N VAL B 221 12.69 -19.37 -13.49
CA VAL B 221 11.34 -19.84 -13.80
C VAL B 221 10.73 -18.89 -14.81
N ILE B 222 10.27 -19.43 -15.94
CA ILE B 222 9.56 -18.66 -16.95
C ILE B 222 8.17 -19.25 -17.11
N ASP B 223 7.16 -18.43 -16.82
CA ASP B 223 5.75 -18.76 -17.01
C ASP B 223 5.31 -18.07 -18.29
N LYS B 224 5.00 -18.86 -19.32
CA LYS B 224 4.65 -18.25 -20.60
C LYS B 224 3.15 -18.07 -20.80
N LYS B 225 2.32 -18.43 -19.81
CA LYS B 225 0.97 -17.89 -19.79
C LYS B 225 1.00 -16.38 -19.63
N ASN B 226 2.09 -15.85 -19.07
CA ASN B 226 2.43 -14.43 -19.14
C ASN B 226 3.02 -14.15 -20.52
N LYS B 227 2.51 -13.13 -21.20
CA LYS B 227 2.97 -12.97 -22.57
C LYS B 227 4.00 -11.86 -22.71
N LEU B 228 4.39 -11.19 -21.62
CA LEU B 228 5.52 -10.27 -21.71
C LEU B 228 6.78 -11.00 -22.17
N ASN B 229 6.98 -12.23 -21.71
CA ASN B 229 8.15 -12.98 -22.15
C ASN B 229 7.89 -13.79 -23.40
N ASP B 230 7.11 -13.25 -24.35
CA ASP B 230 6.90 -13.94 -25.62
C ASP B 230 8.17 -13.96 -26.47
N ARG B 231 8.96 -12.89 -26.40
CA ARG B 231 10.23 -12.79 -27.10
C ARG B 231 11.41 -13.21 -26.21
N CYS B 232 11.14 -13.90 -25.12
CA CYS B 232 12.17 -14.20 -24.13
C CYS B 232 13.34 -14.95 -24.75
N THR B 233 14.56 -14.55 -24.37
CA THR B 233 15.75 -15.19 -24.90
C THR B 233 16.84 -15.14 -23.83
N LEU B 234 17.48 -16.29 -23.59
CA LEU B 234 18.59 -16.38 -22.66
C LEU B 234 19.89 -16.38 -23.47
N PHE B 235 20.75 -15.41 -23.20
CA PHE B 235 22.13 -15.42 -23.68
C PHE B 235 23.01 -15.93 -22.56
N THR B 236 23.77 -16.98 -22.83
CA THR B 236 24.50 -17.64 -21.76
C THR B 236 25.71 -18.37 -22.33
N ASP B 237 26.56 -18.82 -21.41
CA ASP B 237 27.75 -19.60 -21.74
C ASP B 237 27.48 -21.06 -21.37
N CYS B 238 27.47 -21.93 -22.37
CA CYS B 238 27.17 -23.35 -22.15
C CYS B 238 28.48 -24.11 -21.99
N VAL B 239 28.64 -24.75 -20.84
CA VAL B 239 29.85 -25.54 -20.63
C VAL B 239 29.49 -26.96 -20.20
N LEU B 252 37.40 -28.21 -19.19
CA LEU B 252 36.28 -27.27 -19.21
C LEU B 252 35.78 -26.98 -20.62
N ARG B 253 34.61 -26.38 -20.68
CA ARG B 253 34.03 -25.86 -21.90
C ARG B 253 33.68 -24.40 -21.66
N GLN B 254 33.49 -23.67 -22.76
CA GLN B 254 32.60 -22.52 -22.79
C GLN B 254 32.56 -21.86 -24.17
N TYR B 255 31.38 -21.89 -24.77
CA TYR B 255 31.11 -21.11 -25.98
C TYR B 255 29.77 -20.41 -25.82
N LYS B 256 29.69 -19.18 -26.32
CA LYS B 256 28.46 -18.39 -26.23
C LYS B 256 27.32 -19.06 -27.00
N THR B 257 26.13 -19.10 -26.40
CA THR B 257 24.99 -19.74 -27.06
C THR B 257 23.69 -19.05 -26.67
N GLU B 258 22.72 -19.09 -27.58
CA GLU B 258 21.43 -18.42 -27.49
C GLU B 258 20.34 -19.45 -27.24
N ILE B 259 19.65 -19.39 -26.10
CA ILE B 259 18.53 -20.27 -25.82
C ILE B 259 17.25 -19.47 -25.96
N ARG B 260 16.43 -19.84 -26.94
CA ARG B 260 15.21 -19.12 -27.26
C ARG B 260 14.02 -19.79 -26.57
N ILE B 261 13.27 -18.99 -25.82
CA ILE B 261 12.20 -19.45 -24.95
C ILE B 261 11.04 -18.50 -25.19
N GLY B 262 9.98 -18.98 -25.81
CA GLY B 262 8.90 -18.05 -26.06
C GLY B 262 8.56 -17.94 -27.51
N LYS B 263 7.27 -17.79 -27.80
CA LYS B 263 6.77 -18.02 -29.13
C LYS B 263 7.42 -17.13 -30.18
N ALA B 264 7.76 -15.89 -29.85
CA ALA B 264 8.27 -14.96 -30.84
C ALA B 264 9.77 -14.68 -30.66
N SER B 265 10.51 -15.60 -30.04
CA SER B 265 11.92 -15.35 -29.76
C SER B 265 12.72 -15.22 -31.05
N THR B 266 13.67 -14.28 -31.04
CA THR B 266 14.40 -13.86 -32.23
C THR B 266 15.86 -13.61 -31.84
N GLY B 267 16.74 -13.70 -32.84
CA GLY B 267 18.18 -13.56 -32.61
C GLY B 267 18.67 -12.19 -32.16
C1 NAG C . -8.64 19.17 -6.58
C2 NAG C . -7.39 19.99 -6.93
C3 NAG C . -7.47 21.37 -6.30
C4 NAG C . -8.78 22.07 -6.68
C5 NAG C . -9.96 21.17 -6.33
C6 NAG C . -11.29 21.74 -6.77
C7 NAG C . -5.24 18.88 -7.34
C8 NAG C . -4.08 18.16 -6.73
N2 NAG C . -6.20 19.28 -6.51
O3 NAG C . -6.37 22.16 -6.72
O4 NAG C . -8.90 23.30 -5.99
O5 NAG C . -9.82 19.90 -6.97
O6 NAG C . -12.29 20.74 -6.82
O7 NAG C . -5.30 19.10 -8.55
C1 NAG C . -8.80 24.39 -6.93
C2 NAG C . -9.66 25.55 -6.45
C3 NAG C . -9.54 26.74 -7.39
C4 NAG C . -8.08 27.12 -7.55
C5 NAG C . -7.25 25.91 -7.98
C6 NAG C . -5.77 26.19 -7.98
C7 NAG C . -11.65 25.00 -5.11
C8 NAG C . -13.09 24.59 -5.15
N2 NAG C . -11.06 25.14 -6.30
O3 NAG C . -10.26 27.85 -6.87
O4 NAG C . -7.95 28.16 -8.52
O5 NAG C . -7.45 24.83 -7.07
O6 NAG C . -5.21 25.96 -6.70
O7 NAG C . -11.07 25.19 -4.06
C1 NAG D . -12.99 25.29 16.16
C2 NAG D . -13.33 25.47 17.64
C3 NAG D . -13.86 26.88 17.89
C4 NAG D . -12.94 27.94 17.30
C5 NAG D . -12.58 27.61 15.86
C6 NAG D . -11.52 28.51 15.29
C7 NAG D . -14.06 23.57 19.02
C8 NAG D . -15.19 22.64 19.35
N2 NAG D . -14.31 24.48 18.07
O3 NAG D . -14.00 27.07 19.29
O4 NAG D . -13.62 29.19 17.29
O5 NAG D . -12.07 26.27 15.77
O6 NAG D . -10.26 28.24 15.87
O7 NAG D . -12.98 23.50 19.58
C1 NAG D . -12.97 30.16 18.15
C2 NAG D . -13.73 31.48 18.05
C3 NAG D . -13.13 32.52 19.01
C4 NAG D . -13.06 31.95 20.43
C5 NAG D . -12.32 30.61 20.42
C6 NAG D . -12.30 29.93 21.77
C7 NAG D . -12.67 32.34 15.98
C8 NAG D . -12.93 32.84 14.60
N2 NAG D . -13.76 32.00 16.69
O3 NAG D . -13.91 33.70 19.01
O4 NAG D . -12.40 32.85 21.29
O5 NAG D . -12.96 29.70 19.50
O6 NAG D . -11.54 28.72 21.74
O7 NAG D . -11.53 32.24 16.44
C1 NAG E . 36.43 -17.69 1.67
C2 NAG E . 36.78 -17.85 3.14
C3 NAG E . 37.89 -16.88 3.55
C4 NAG E . 39.12 -17.06 2.66
C5 NAG E . 38.74 -16.99 1.17
C6 NAG E . 39.89 -17.40 0.28
C7 NAG E . 35.02 -18.69 4.60
C8 NAG E . 33.86 -18.35 5.48
N2 NAG E . 35.62 -17.67 4.00
O3 NAG E . 38.24 -17.11 4.90
O4 NAG E . 40.06 -16.02 2.92
O5 NAG E . 37.63 -17.86 0.86
O6 NAG E . 40.57 -18.53 0.79
O7 NAG E . 35.39 -19.85 4.44
C1 NAG E . 41.20 -16.40 3.74
C2 NAG E . 42.14 -15.19 3.95
C3 NAG E . 43.30 -15.57 4.86
C4 NAG E . 42.78 -16.15 6.16
C5 NAG E . 41.85 -17.33 5.88
C6 NAG E . 41.20 -17.87 7.13
C7 NAG E . 41.88 -13.97 1.84
C8 NAG E . 42.57 -13.49 0.58
N2 NAG E . 42.63 -14.67 2.68
O3 NAG E . 44.10 -14.42 5.12
O4 NAG E . 43.87 -16.59 6.96
O5 NAG E . 40.79 -16.92 5.01
O6 NAG E . 41.93 -17.51 8.29
O7 NAG E . 40.70 -13.73 2.05
C1 NAG F . 26.62 -10.98 -20.80
C2 NAG F . 27.23 -9.98 -21.80
C3 NAG F . 28.76 -10.02 -21.71
C4 NAG F . 29.20 -9.74 -20.28
C5 NAG F . 28.54 -10.72 -19.31
C6 NAG F . 28.85 -10.41 -17.86
C7 NAG F . 25.58 -9.95 -23.63
C8 NAG F . 25.33 -10.24 -25.08
N2 NAG F . 26.79 -10.23 -23.17
O3 NAG F . 29.33 -9.06 -22.59
O4 NAG F . 30.62 -9.89 -20.17
O5 NAG F . 27.10 -10.68 -19.44
O6 NAG F . 30.10 -9.72 -17.76
O7 NAG F . 24.69 -9.50 -22.90
#